data_7DB0
#
_entry.id   7DB0
#
_cell.length_a   57.253
_cell.length_b   74.747
_cell.length_c   109.952
_cell.angle_alpha   90.000
_cell.angle_beta   90.000
_cell.angle_gamma   90.000
#
_symmetry.space_group_name_H-M   'P 21 21 21'
#
loop_
_entity.id
_entity.type
_entity.pdbx_description
1 polymer 'Glutathione S-transferase E14'
2 non-polymer 5,5-DIMETHYLCYCLOHEXANE-1,3-DIONE
3 non-polymer 'DIMETHYL SULFOXIDE'
4 water water
#
_entity_poly.entity_id   1
_entity_poly.type   'polypeptide(L)'
_entity_poly.pdbx_seq_one_letter_code
;MNHKVHMMSQPKPILYYDERSPPVRSCLMLIKLLDIDVELRFVNLFKGEQFQKDFLALNPQHSVPTLVHGDLVLTDSHAI
LIHLAEKFDEGGSLWPQEHAERMKVLNLLLFECSFLFRRDSDFMSAIVRQGFANVDVAHHERKLTEAYIIMERYLENSDF
MAGPQLTLADLSIVTTLSTVNLMFPLSQFPRLRRWFTAMQQLDAYEANCSGLEKLRQTMESVGSFQFPSSSAVVTEKVE
;
_entity_poly.pdbx_strand_id   A,B
#
# COMPACT_ATOMS: atom_id res chain seq x y z
N GLN A 10 -13.59 -17.83 -20.98
CA GLN A 10 -13.40 -16.59 -20.24
C GLN A 10 -12.46 -15.66 -20.98
N PRO A 11 -12.72 -14.35 -20.90
CA PRO A 11 -11.83 -13.39 -21.56
C PRO A 11 -10.44 -13.40 -20.94
N LYS A 12 -9.45 -13.17 -21.78
CA LYS A 12 -8.06 -13.21 -21.35
C LYS A 12 -7.67 -11.91 -20.65
N PRO A 13 -6.90 -11.98 -19.58
CA PRO A 13 -6.56 -10.75 -18.84
C PRO A 13 -5.77 -9.78 -19.70
N ILE A 14 -6.00 -8.49 -19.43
CA ILE A 14 -5.32 -7.39 -20.12
C ILE A 14 -4.50 -6.64 -19.08
N LEU A 15 -3.21 -6.49 -19.33
CA LEU A 15 -2.31 -5.82 -18.39
C LEU A 15 -1.81 -4.53 -19.04
N TYR A 16 -2.20 -3.40 -18.47
CA TYR A 16 -1.63 -2.10 -18.85
C TYR A 16 -0.34 -1.91 -18.08
N TYR A 17 0.75 -1.63 -18.81
CA TYR A 17 2.07 -1.83 -18.24
C TYR A 17 3.06 -0.81 -18.78
N ASP A 18 4.10 -0.60 -17.97
CA ASP A 18 5.36 0.04 -18.39
C ASP A 18 6.45 -0.70 -17.62
N GLU A 19 7.24 -1.52 -18.32
CA GLU A 19 8.13 -2.43 -17.61
C GLU A 19 9.20 -1.71 -16.79
N ARG A 20 9.36 -0.40 -16.96
CA ARG A 20 10.30 0.32 -16.12
C ARG A 20 9.84 0.40 -14.67
N SER A 21 8.55 0.22 -14.40
CA SER A 21 8.04 0.28 -13.04
C SER A 21 8.20 -1.07 -12.35
N PRO A 22 8.77 -1.11 -11.15
CA PRO A 22 9.04 -2.39 -10.49
C PRO A 22 7.77 -3.19 -10.22
N PRO A 23 6.69 -2.55 -9.75
CA PRO A 23 5.45 -3.32 -9.56
C PRO A 23 4.91 -3.92 -10.84
N VAL A 24 5.12 -3.27 -11.98
CA VAL A 24 4.81 -3.89 -13.26
C VAL A 24 5.63 -5.15 -13.45
N ARG A 25 6.95 -5.05 -13.19
CA ARG A 25 7.83 -6.20 -13.36
C ARG A 25 7.46 -7.33 -12.41
N SER A 26 6.93 -7.01 -11.23
CA SER A 26 6.44 -8.06 -10.35
C SER A 26 5.33 -8.86 -11.01
N CYS A 27 4.40 -8.17 -11.67
CA CYS A 27 3.33 -8.87 -12.39
C CYS A 27 3.90 -9.64 -13.57
N LEU A 28 4.87 -9.08 -14.28
CA LEU A 28 5.49 -9.79 -15.39
C LEU A 28 6.20 -11.05 -14.90
N MET A 29 6.84 -10.99 -13.73
CA MET A 29 7.48 -12.18 -13.18
C MET A 29 6.45 -13.27 -12.89
N LEU A 30 5.33 -12.91 -12.26
CA LEU A 30 4.31 -13.91 -11.97
C LEU A 30 3.69 -14.46 -13.25
N ILE A 31 3.48 -13.60 -14.25
CA ILE A 31 2.92 -14.05 -15.51
C ILE A 31 3.84 -15.05 -16.19
N LYS A 32 5.15 -14.79 -16.14
CA LYS A 32 6.11 -15.73 -16.71
C LYS A 32 6.18 -17.02 -15.89
N LEU A 33 6.22 -16.88 -14.56
CA LEU A 33 6.32 -18.06 -13.69
C LEU A 33 5.17 -19.03 -13.93
N LEU A 34 3.96 -18.50 -14.09
CA LEU A 34 2.78 -19.33 -14.26
C LEU A 34 2.36 -19.50 -15.72
N ASP A 35 3.13 -18.94 -16.66
CA ASP A 35 2.81 -19.03 -18.08
C ASP A 35 1.40 -18.55 -18.38
N ILE A 36 1.02 -17.42 -17.78
CA ILE A 36 -0.30 -16.85 -18.00
C ILE A 36 -0.34 -16.15 -19.35
N ASP A 37 -1.36 -16.45 -20.14
N ASP A 37 -1.37 -16.46 -20.13
CA ASP A 37 -1.57 -15.75 -21.41
CA ASP A 37 -1.65 -15.76 -21.37
C ASP A 37 -2.33 -14.46 -21.13
C ASP A 37 -2.34 -14.44 -21.06
N VAL A 38 -1.69 -13.33 -21.37
CA VAL A 38 -2.27 -12.01 -21.13
C VAL A 38 -2.05 -11.15 -22.36
N GLU A 39 -2.94 -10.17 -22.54
N GLU A 39 -2.95 -10.17 -22.53
CA GLU A 39 -2.71 -9.14 -23.54
CA GLU A 39 -2.76 -9.10 -23.49
C GLU A 39 -2.03 -7.95 -22.87
C GLU A 39 -1.99 -7.98 -22.81
N LEU A 40 -0.91 -7.52 -23.45
CA LEU A 40 -0.12 -6.42 -22.92
C LEU A 40 -0.46 -5.14 -23.67
N ARG A 41 -0.76 -4.08 -22.92
CA ARG A 41 -1.03 -2.77 -23.49
C ARG A 41 -0.13 -1.74 -22.81
N PHE A 42 0.74 -1.13 -23.61
CA PHE A 42 1.79 -0.27 -23.07
C PHE A 42 1.24 1.11 -22.74
N VAL A 43 1.64 1.62 -21.57
CA VAL A 43 1.31 2.96 -21.13
C VAL A 43 2.62 3.62 -20.71
N ASN A 44 3.12 4.55 -21.52
CA ASN A 44 4.42 5.16 -21.28
C ASN A 44 4.30 6.17 -20.14
N LEU A 45 4.83 5.83 -18.97
CA LEU A 45 4.72 6.69 -17.80
C LEU A 45 5.50 7.98 -17.99
N PHE A 46 6.63 7.95 -18.70
CA PHE A 46 7.45 9.14 -18.86
C PHE A 46 6.91 10.08 -19.93
N LYS A 47 6.11 9.58 -20.86
CA LYS A 47 5.38 10.43 -21.79
C LYS A 47 4.06 10.93 -21.21
N GLY A 48 3.67 10.46 -20.03
CA GLY A 48 2.41 10.88 -19.43
C GLY A 48 1.18 10.23 -20.00
N GLU A 49 1.33 9.05 -20.62
CA GLU A 49 0.18 8.38 -21.23
C GLU A 49 -0.81 7.87 -20.19
N GLN A 50 -0.39 7.77 -18.92
CA GLN A 50 -1.33 7.39 -17.87
C GLN A 50 -2.35 8.49 -17.59
N PHE A 51 -2.20 9.67 -18.16
CA PHE A 51 -3.18 10.74 -18.03
C PHE A 51 -4.04 10.90 -19.28
N GLN A 52 -3.91 10.01 -20.25
N GLN A 52 -3.90 10.01 -20.26
CA GLN A 52 -4.77 10.06 -21.42
CA GLN A 52 -4.78 10.02 -21.41
C GLN A 52 -6.21 9.76 -21.01
C GLN A 52 -6.22 9.81 -20.95
N LYS A 53 -7.14 10.51 -21.61
CA LYS A 53 -8.53 10.49 -21.16
C LYS A 53 -9.08 9.08 -21.00
N ASP A 54 -8.82 8.20 -21.97
CA ASP A 54 -9.40 6.86 -21.91
C ASP A 54 -8.80 6.04 -20.76
N PHE A 55 -7.50 6.21 -20.49
CA PHE A 55 -6.91 5.46 -19.38
C PHE A 55 -7.39 6.01 -18.04
N LEU A 56 -7.49 7.32 -17.91
CA LEU A 56 -8.03 7.91 -16.68
C LEU A 56 -9.45 7.41 -16.42
N ALA A 57 -10.25 7.27 -17.47
CA ALA A 57 -11.60 6.73 -17.29
C ALA A 57 -11.56 5.31 -16.77
N LEU A 58 -10.56 4.52 -17.18
CA LEU A 58 -10.41 3.17 -16.68
C LEU A 58 -9.85 3.15 -15.27
N ASN A 59 -8.81 3.94 -15.02
CA ASN A 59 -8.14 3.98 -13.73
C ASN A 59 -7.83 5.43 -13.36
N PRO A 60 -8.70 6.08 -12.60
CA PRO A 60 -8.45 7.47 -12.21
C PRO A 60 -7.23 7.65 -11.31
N GLN A 61 -6.65 6.57 -10.79
CA GLN A 61 -5.38 6.67 -10.09
C GLN A 61 -4.19 6.81 -11.04
N HIS A 62 -4.43 6.76 -12.35
CA HIS A 62 -3.40 6.93 -13.36
C HIS A 62 -2.11 6.20 -13.00
N SER A 63 -2.25 4.90 -12.74
CA SER A 63 -1.13 4.08 -12.31
C SER A 63 -1.08 2.79 -13.12
N VAL A 64 0.14 2.30 -13.32
CA VAL A 64 0.37 0.95 -13.82
C VAL A 64 1.14 0.19 -12.75
N PRO A 65 0.95 -1.12 -12.64
CA PRO A 65 0.09 -1.90 -13.52
C PRO A 65 -1.40 -1.74 -13.25
N THR A 66 -2.20 -1.88 -14.31
CA THR A 66 -3.64 -2.00 -14.22
C THR A 66 -4.05 -3.25 -14.98
N LEU A 67 -4.92 -4.05 -14.38
CA LEU A 67 -5.38 -5.29 -15.00
C LEU A 67 -6.87 -5.22 -15.26
N VAL A 68 -7.28 -5.56 -16.47
CA VAL A 68 -8.68 -5.76 -16.81
C VAL A 68 -8.86 -7.25 -17.10
N HIS A 69 -9.78 -7.88 -16.38
CA HIS A 69 -10.06 -9.31 -16.56
C HIS A 69 -11.58 -9.46 -16.51
N GLY A 70 -12.20 -9.59 -17.67
CA GLY A 70 -13.65 -9.49 -17.72
C GLY A 70 -14.07 -8.10 -17.31
N ASP A 71 -14.99 -8.03 -16.34
CA ASP A 71 -15.44 -6.76 -15.81
C ASP A 71 -14.65 -6.30 -14.59
N LEU A 72 -13.66 -7.09 -14.15
CA LEU A 72 -12.86 -6.73 -13.00
C LEU A 72 -11.71 -5.82 -13.42
N VAL A 73 -11.58 -4.68 -12.75
CA VAL A 73 -10.53 -3.71 -13.02
C VAL A 73 -9.71 -3.55 -11.74
N LEU A 74 -8.48 -4.03 -11.78
CA LEU A 74 -7.58 -3.95 -10.63
C LEU A 74 -6.54 -2.86 -10.90
N THR A 75 -6.36 -1.97 -9.93
CA THR A 75 -5.51 -0.79 -10.10
C THR A 75 -4.33 -0.78 -9.13
N ASP A 76 -4.00 -1.93 -8.55
CA ASP A 76 -2.86 -2.04 -7.64
C ASP A 76 -2.17 -3.38 -7.89
N SER A 77 -0.83 -3.34 -8.01
CA SER A 77 -0.08 -4.53 -8.37
C SER A 77 -0.31 -5.67 -7.38
N HIS A 78 -0.56 -5.34 -6.10
CA HIS A 78 -0.70 -6.39 -5.10
C HIS A 78 -2.05 -7.09 -5.19
N ALA A 79 -3.09 -6.38 -5.61
CA ALA A 79 -4.34 -7.05 -5.96
C ALA A 79 -4.18 -7.89 -7.22
N ILE A 80 -3.41 -7.39 -8.18
CA ILE A 80 -3.17 -8.13 -9.42
C ILE A 80 -2.43 -9.43 -9.12
N LEU A 81 -1.39 -9.36 -8.28
CA LEU A 81 -0.64 -10.57 -7.95
C LEU A 81 -1.53 -11.61 -7.28
N ILE A 82 -2.33 -11.17 -6.29
CA ILE A 82 -3.20 -12.10 -5.59
C ILE A 82 -4.26 -12.65 -6.53
N HIS A 83 -4.88 -11.79 -7.35
CA HIS A 83 -5.89 -12.25 -8.28
C HIS A 83 -5.34 -13.31 -9.23
N LEU A 84 -4.20 -13.02 -9.86
CA LEU A 84 -3.64 -13.97 -10.81
C LEU A 84 -3.23 -15.26 -10.13
N ALA A 85 -2.73 -15.18 -8.88
CA ALA A 85 -2.38 -16.38 -8.15
C ALA A 85 -3.60 -17.25 -7.88
N GLU A 86 -4.73 -16.62 -7.55
CA GLU A 86 -5.92 -17.40 -7.22
C GLU A 86 -6.58 -17.99 -8.46
N LYS A 87 -6.51 -17.30 -9.60
CA LYS A 87 -7.10 -17.78 -10.85
C LYS A 87 -6.21 -18.77 -11.58
N PHE A 88 -4.87 -18.58 -11.52
CA PHE A 88 -3.88 -19.37 -12.32
C PHE A 88 -2.83 -20.16 -11.50
N ASP A 89 -2.88 -20.04 -10.19
CA ASP A 89 -2.03 -20.86 -9.30
C ASP A 89 -2.94 -21.42 -8.21
N GLU A 90 -4.15 -21.75 -8.61
CA GLU A 90 -5.17 -22.31 -7.70
C GLU A 90 -4.58 -23.46 -6.89
N GLY A 91 -4.61 -23.34 -5.57
CA GLY A 91 -4.11 -24.34 -4.64
C GLY A 91 -2.60 -24.36 -4.50
N GLY A 92 -1.93 -23.38 -5.08
CA GLY A 92 -0.45 -23.33 -5.06
C GLY A 92 0.13 -22.77 -3.78
N SER A 93 1.45 -22.64 -3.79
CA SER A 93 2.17 -22.14 -2.60
C SER A 93 2.56 -20.66 -2.71
N LEU A 94 2.45 -20.06 -3.89
CA LEU A 94 2.81 -18.65 -4.00
C LEU A 94 1.92 -17.78 -3.13
N TRP A 95 0.64 -18.14 -3.03
CA TRP A 95 -0.36 -17.44 -2.23
C TRP A 95 -0.89 -18.51 -1.29
N PRO A 96 -0.24 -18.71 -0.13
CA PRO A 96 -0.34 -19.98 0.58
C PRO A 96 -1.77 -20.37 0.94
N GLN A 97 -1.98 -21.69 1.05
CA GLN A 97 -3.29 -22.23 1.38
C GLN A 97 -3.59 -22.06 2.87
N GLU A 98 -2.59 -22.24 3.73
CA GLU A 98 -2.81 -22.13 5.16
C GLU A 98 -2.94 -20.66 5.56
N HIS A 99 -3.86 -20.39 6.48
CA HIS A 99 -4.25 -18.99 6.75
C HIS A 99 -3.07 -18.16 7.23
N ALA A 100 -2.38 -18.62 8.28
CA ALA A 100 -1.32 -17.82 8.87
C ALA A 100 -0.21 -17.55 7.87
N GLU A 101 0.18 -18.55 7.08
CA GLU A 101 1.19 -18.34 6.06
C GLU A 101 0.72 -17.30 5.04
N ARG A 102 -0.55 -17.35 4.66
N ARG A 102 -0.56 -17.35 4.65
CA ARG A 102 -1.07 -16.39 3.70
CA ARG A 102 -1.07 -16.39 3.70
C ARG A 102 -1.08 -14.98 4.28
C ARG A 102 -1.07 -14.98 4.28
N MET A 103 -1.45 -14.84 5.55
CA MET A 103 -1.44 -13.52 6.18
C MET A 103 -0.03 -12.94 6.21
N LYS A 104 0.98 -13.78 6.42
CA LYS A 104 2.36 -13.28 6.40
C LYS A 104 2.71 -12.72 5.02
N VAL A 105 2.28 -13.40 3.95
CA VAL A 105 2.52 -12.89 2.61
C VAL A 105 1.77 -11.58 2.41
N LEU A 106 0.48 -11.57 2.73
CA LEU A 106 -0.31 -10.34 2.64
C LEU A 106 0.34 -9.21 3.41
N ASN A 107 0.84 -9.48 4.61
CA ASN A 107 1.48 -8.44 5.42
C ASN A 107 2.67 -7.84 4.70
N LEU A 108 3.48 -8.67 4.04
CA LEU A 108 4.66 -8.16 3.37
C LEU A 108 4.32 -7.48 2.04
N LEU A 109 3.26 -7.92 1.36
CA LEU A 109 2.79 -7.17 0.20
C LEU A 109 2.42 -5.75 0.59
N LEU A 110 1.83 -5.57 1.76
CA LEU A 110 1.45 -4.24 2.21
C LEU A 110 2.66 -3.42 2.66
N PHE A 111 3.67 -4.08 3.23
CA PHE A 111 4.95 -3.41 3.46
C PHE A 111 5.52 -2.88 2.15
N GLU A 112 5.50 -3.70 1.11
CA GLU A 112 6.02 -3.27 -0.19
C GLU A 112 5.23 -2.07 -0.71
N CYS A 113 3.91 -2.09 -0.56
CA CYS A 113 3.08 -0.99 -1.04
C CYS A 113 3.35 0.28 -0.24
N SER A 114 3.22 0.21 1.08
CA SER A 114 3.19 1.40 1.92
C SER A 114 4.58 1.93 2.26
N PHE A 115 5.61 1.09 2.21
CA PHE A 115 6.92 1.46 2.74
C PHE A 115 8.00 1.40 1.67
N LEU A 116 8.29 0.22 1.12
CA LEU A 116 9.39 0.09 0.18
C LEU A 116 9.10 0.81 -1.13
N PHE A 117 7.99 0.48 -1.80
CA PHE A 117 7.72 1.11 -3.08
C PHE A 117 7.46 2.60 -2.92
N ARG A 118 6.77 3.00 -1.85
CA ARG A 118 6.50 4.42 -1.64
C ARG A 118 7.80 5.22 -1.57
N ARG A 119 8.80 4.72 -0.85
CA ARG A 119 10.05 5.44 -0.71
C ARG A 119 10.87 5.38 -1.98
N ASP A 120 10.81 4.26 -2.70
CA ASP A 120 11.45 4.17 -4.01
C ASP A 120 10.84 5.18 -4.97
N SER A 121 9.51 5.22 -5.06
N SER A 121 9.51 5.21 -5.07
CA SER A 121 8.84 6.13 -5.97
CA SER A 121 8.86 6.13 -5.99
C SER A 121 9.10 7.58 -5.59
C SER A 121 9.11 7.58 -5.60
N ASP A 122 9.13 7.87 -4.30
CA ASP A 122 9.46 9.23 -3.85
C ASP A 122 10.83 9.65 -4.36
N PHE A 123 11.81 8.76 -4.24
CA PHE A 123 13.18 9.08 -4.64
C PHE A 123 13.28 9.23 -6.15
N MET A 124 12.74 8.27 -6.90
CA MET A 124 12.85 8.32 -8.36
C MET A 124 12.04 9.47 -8.93
N SER A 125 10.86 9.74 -8.37
CA SER A 125 10.07 10.88 -8.82
C SER A 125 10.83 12.18 -8.58
N ALA A 126 11.52 12.30 -7.44
CA ALA A 126 12.30 13.49 -7.17
C ALA A 126 13.37 13.71 -8.24
N ILE A 127 14.04 12.63 -8.65
CA ILE A 127 15.06 12.75 -9.70
C ILE A 127 14.43 13.27 -10.98
N VAL A 128 13.27 12.72 -11.37
CA VAL A 128 12.64 13.11 -12.62
C VAL A 128 12.22 14.58 -12.57
N ARG A 129 11.67 15.02 -11.44
N ARG A 129 11.68 15.03 -11.44
CA ARG A 129 11.14 16.38 -11.35
CA ARG A 129 11.15 16.38 -11.36
C ARG A 129 12.24 17.41 -11.15
C ARG A 129 12.22 17.43 -11.10
N GLN A 130 13.31 17.06 -10.42
CA GLN A 130 14.33 18.02 -10.03
C GLN A 130 15.66 17.85 -10.74
N GLY A 131 15.94 16.67 -11.29
CA GLY A 131 17.27 16.38 -11.78
C GLY A 131 18.14 15.86 -10.65
N PHE A 132 18.99 14.88 -10.93
CA PHE A 132 19.71 14.19 -9.87
C PHE A 132 20.52 15.16 -9.01
N ALA A 133 21.24 16.08 -9.66
CA ALA A 133 22.11 16.99 -8.92
C ALA A 133 21.33 17.83 -7.91
N ASN A 134 20.02 17.96 -8.07
CA ASN A 134 19.20 18.81 -7.22
C ASN A 134 18.35 18.03 -6.23
N VAL A 135 18.60 16.73 -6.08
CA VAL A 135 17.84 15.89 -5.16
C VAL A 135 18.59 15.78 -3.85
N ASP A 136 17.84 15.78 -2.74
CA ASP A 136 18.41 15.53 -1.42
C ASP A 136 18.64 14.02 -1.30
N VAL A 137 19.73 13.56 -1.93
CA VAL A 137 20.01 12.13 -1.98
C VAL A 137 20.20 11.57 -0.57
N ALA A 138 20.85 12.35 0.30
CA ALA A 138 21.06 11.88 1.67
C ALA A 138 19.73 11.60 2.37
N HIS A 139 18.74 12.46 2.16
CA HIS A 139 17.42 12.21 2.73
C HIS A 139 16.86 10.87 2.28
N HIS A 140 16.90 10.59 0.98
CA HIS A 140 16.33 9.36 0.47
C HIS A 140 17.19 8.15 0.78
N GLU A 141 18.52 8.34 0.90
CA GLU A 141 19.36 7.23 1.37
C GLU A 141 18.93 6.77 2.76
N ARG A 142 18.61 7.72 3.64
CA ARG A 142 18.12 7.35 4.96
C ARG A 142 16.78 6.63 4.86
N LYS A 143 15.86 7.18 4.06
CA LYS A 143 14.54 6.57 3.91
C LYS A 143 14.64 5.15 3.38
N LEU A 144 15.50 4.93 2.39
CA LEU A 144 15.57 3.63 1.74
C LEU A 144 16.48 2.65 2.48
N THR A 145 17.53 3.15 3.14
CA THR A 145 18.28 2.26 4.02
C THR A 145 17.42 1.71 5.14
N GLU A 146 16.46 2.50 5.63
N GLU A 146 16.47 2.51 5.63
CA GLU A 146 15.54 1.99 6.64
CA GLU A 146 15.52 2.02 6.63
C GLU A 146 14.75 0.81 6.10
C GLU A 146 14.74 0.82 6.10
N ALA A 147 14.37 0.85 4.82
CA ALA A 147 13.68 -0.28 4.22
C ALA A 147 14.60 -1.50 4.13
N TYR A 148 15.86 -1.29 3.75
CA TYR A 148 16.85 -2.36 3.79
C TYR A 148 16.88 -3.00 5.17
N ILE A 149 16.93 -2.18 6.22
CA ILE A 149 17.02 -2.69 7.59
C ILE A 149 15.84 -3.58 7.90
N ILE A 150 14.63 -3.13 7.56
CA ILE A 150 13.43 -3.89 7.86
C ILE A 150 13.44 -5.23 7.13
N MET A 151 13.83 -5.20 5.85
CA MET A 151 13.88 -6.42 5.06
C MET A 151 14.94 -7.38 5.59
N GLU A 152 16.08 -6.84 6.02
CA GLU A 152 17.10 -7.68 6.67
C GLU A 152 16.54 -8.36 7.92
N ARG A 153 15.74 -7.62 8.70
CA ARG A 153 15.14 -8.22 9.90
C ARG A 153 14.22 -9.37 9.53
N TYR A 154 13.39 -9.20 8.50
CA TYR A 154 12.52 -10.29 8.07
C TYR A 154 13.34 -11.49 7.61
N LEU A 155 14.43 -11.26 6.89
CA LEU A 155 15.23 -12.36 6.36
C LEU A 155 16.10 -13.02 7.41
N GLU A 156 16.32 -12.38 8.56
CA GLU A 156 17.04 -13.04 9.64
C GLU A 156 16.23 -14.17 10.25
N ASN A 157 14.94 -14.29 9.94
CA ASN A 157 14.06 -15.26 10.56
C ASN A 157 13.43 -16.23 9.55
N SER A 158 13.85 -16.18 8.29
CA SER A 158 13.43 -17.17 7.29
C SER A 158 14.15 -16.89 5.97
N ASP A 159 14.37 -17.93 5.16
CA ASP A 159 15.08 -17.74 3.90
C ASP A 159 14.35 -16.76 2.99
N PHE A 160 13.05 -16.96 2.79
CA PHE A 160 12.31 -16.04 1.93
C PHE A 160 11.60 -15.01 2.79
N MET A 161 11.09 -13.98 2.11
CA MET A 161 10.50 -12.85 2.85
C MET A 161 9.38 -13.29 3.81
N ALA A 162 8.52 -14.19 3.38
CA ALA A 162 7.35 -14.52 4.20
C ALA A 162 7.39 -15.93 4.80
N GLY A 163 8.52 -16.59 4.66
CA GLY A 163 8.58 -17.97 5.17
C GLY A 163 9.64 -18.76 4.45
N PRO A 164 9.63 -20.09 4.58
CA PRO A 164 10.64 -20.94 3.96
C PRO A 164 10.63 -21.15 2.43
N GLN A 165 9.63 -20.62 1.75
CA GLN A 165 9.59 -20.83 0.29
C GLN A 165 9.06 -19.58 -0.43
N LEU A 166 9.26 -19.59 -1.73
CA LEU A 166 8.94 -18.45 -2.60
C LEU A 166 7.45 -18.14 -2.56
N THR A 167 7.13 -16.86 -2.40
CA THR A 167 5.72 -16.43 -2.40
C THR A 167 5.59 -15.12 -3.19
N LEU A 168 4.36 -14.68 -3.34
CA LEU A 168 4.12 -13.39 -4.01
C LEU A 168 4.91 -12.27 -3.30
N ALA A 169 5.14 -12.41 -2.01
CA ALA A 169 5.87 -11.36 -1.30
C ALA A 169 7.26 -11.16 -1.90
N ASP A 170 7.93 -12.25 -2.26
CA ASP A 170 9.25 -12.14 -2.87
C ASP A 170 9.16 -11.52 -4.26
N LEU A 171 8.16 -11.90 -5.04
CA LEU A 171 7.99 -11.31 -6.36
C LEU A 171 7.72 -9.82 -6.27
N SER A 172 6.86 -9.41 -5.33
CA SER A 172 6.55 -7.99 -5.18
C SER A 172 7.79 -7.21 -4.74
N ILE A 173 8.59 -7.77 -3.84
CA ILE A 173 9.66 -7.00 -3.20
C ILE A 173 10.92 -6.97 -4.06
N VAL A 174 11.23 -8.06 -4.77
CA VAL A 174 12.52 -8.14 -5.45
C VAL A 174 12.63 -7.11 -6.56
N THR A 175 11.53 -6.84 -7.27
CA THR A 175 11.59 -5.85 -8.34
C THR A 175 11.93 -4.48 -7.79
N THR A 176 11.26 -4.06 -6.72
CA THR A 176 11.55 -2.76 -6.12
C THR A 176 12.93 -2.74 -5.49
N LEU A 177 13.32 -3.86 -4.87
N LEU A 177 13.33 -3.87 -4.88
CA LEU A 177 14.68 -3.89 -4.30
CA LEU A 177 14.69 -3.95 -4.27
C LEU A 177 15.71 -3.70 -5.42
C LEU A 177 15.75 -3.76 -5.37
N SER A 178 15.60 -4.45 -6.52
CA SER A 178 16.55 -4.29 -7.61
C SER A 178 16.59 -2.86 -8.11
N THR A 179 15.47 -2.15 -8.01
CA THR A 179 15.41 -0.76 -8.47
C THR A 179 16.12 0.17 -7.49
N VAL A 180 15.80 0.05 -6.20
CA VAL A 180 16.50 0.85 -5.19
C VAL A 180 17.99 0.58 -5.24
N ASN A 181 18.37 -0.68 -5.49
CA ASN A 181 19.77 -1.08 -5.47
C ASN A 181 20.55 -0.58 -6.68
N LEU A 182 19.87 -0.01 -7.69
CA LEU A 182 20.59 0.73 -8.71
C LEU A 182 21.39 1.88 -8.11
N MET A 183 20.90 2.44 -7.01
CA MET A 183 21.50 3.59 -6.35
C MET A 183 22.23 3.22 -5.07
N PHE A 184 21.63 2.39 -4.22
CA PHE A 184 22.12 2.19 -2.87
C PHE A 184 22.61 0.77 -2.68
N PRO A 185 23.90 0.58 -2.39
CA PRO A 185 24.46 -0.78 -2.36
C PRO A 185 23.97 -1.57 -1.15
N LEU A 186 24.12 -2.89 -1.25
CA LEU A 186 23.68 -3.83 -0.24
C LEU A 186 24.83 -4.43 0.55
N SER A 187 25.98 -3.74 0.55
CA SER A 187 27.18 -4.28 1.18
C SER A 187 26.93 -4.69 2.63
N GLN A 188 26.16 -3.88 3.36
CA GLN A 188 25.99 -4.05 4.79
C GLN A 188 24.81 -4.94 5.16
N PHE A 189 24.23 -5.65 4.20
CA PHE A 189 22.99 -6.40 4.41
C PHE A 189 23.18 -7.82 3.88
N PRO A 190 23.86 -8.67 4.64
CA PRO A 190 24.20 -10.01 4.12
C PRO A 190 23.00 -10.88 3.82
N ARG A 191 21.97 -10.87 4.67
CA ARG A 191 20.80 -11.68 4.41
C ARG A 191 20.10 -11.23 3.14
N LEU A 192 19.99 -9.91 2.95
CA LEU A 192 19.29 -9.37 1.79
C LEU A 192 20.09 -9.60 0.51
N ARG A 193 21.41 -9.57 0.60
CA ARG A 193 22.25 -9.93 -0.55
C ARG A 193 22.07 -11.40 -0.92
N ARG A 194 22.12 -12.29 0.07
CA ARG A 194 21.93 -13.71 -0.19
C ARG A 194 20.56 -13.98 -0.82
N TRP A 195 19.52 -13.33 -0.29
CA TRP A 195 18.17 -13.50 -0.84
C TRP A 195 18.09 -12.97 -2.26
N PHE A 196 18.61 -11.75 -2.47
CA PHE A 196 18.57 -11.15 -3.81
C PHE A 196 19.31 -12.01 -4.83
N THR A 197 20.48 -12.53 -4.45
CA THR A 197 21.21 -13.42 -5.35
C THR A 197 20.39 -14.66 -5.68
N ALA A 198 19.68 -15.20 -4.69
CA ALA A 198 18.85 -16.37 -4.94
C ALA A 198 17.72 -16.06 -5.91
N MET A 199 17.03 -14.93 -5.68
CA MET A 199 15.99 -14.51 -6.63
C MET A 199 16.55 -14.36 -8.03
N GLN A 200 17.78 -13.87 -8.16
CA GLN A 200 18.36 -13.65 -9.49
C GLN A 200 18.61 -14.96 -10.22
N GLN A 201 18.64 -16.09 -9.52
CA GLN A 201 18.82 -17.38 -10.16
C GLN A 201 17.52 -17.96 -10.71
N LEU A 202 16.37 -17.42 -10.30
CA LEU A 202 15.10 -17.92 -10.79
C LEU A 202 14.93 -17.59 -12.26
N ASP A 203 14.43 -18.55 -13.03
N ASP A 203 14.41 -18.54 -13.03
CA ASP A 203 14.16 -18.30 -14.44
CA ASP A 203 14.17 -18.29 -14.44
C ASP A 203 13.17 -17.16 -14.62
C ASP A 203 13.16 -17.17 -14.63
N ALA A 204 12.21 -17.02 -13.70
CA ALA A 204 11.23 -15.94 -13.79
C ALA A 204 11.86 -14.58 -13.58
N TYR A 205 13.01 -14.50 -12.91
CA TYR A 205 13.67 -13.21 -12.72
C TYR A 205 14.06 -12.57 -14.05
N GLU A 206 14.16 -13.36 -15.12
N GLU A 206 14.14 -13.35 -15.13
CA GLU A 206 14.47 -12.78 -16.42
CA GLU A 206 14.48 -12.78 -16.42
C GLU A 206 13.46 -11.71 -16.81
C GLU A 206 13.43 -11.78 -16.89
N ALA A 207 12.23 -11.83 -16.33
CA ALA A 207 11.20 -10.83 -16.62
C ALA A 207 11.44 -9.50 -15.92
N ASN A 208 12.36 -9.45 -14.96
CA ASN A 208 12.73 -8.21 -14.29
C ASN A 208 13.86 -7.48 -14.99
N CYS A 209 14.68 -8.19 -15.77
CA CYS A 209 15.96 -7.63 -16.21
C CYS A 209 15.76 -6.54 -17.25
N SER A 210 14.93 -6.78 -18.26
CA SER A 210 14.79 -5.82 -19.35
C SER A 210 14.27 -4.48 -18.85
N GLY A 211 13.20 -4.49 -18.05
CA GLY A 211 12.62 -3.25 -17.57
C GLY A 211 13.52 -2.52 -16.58
N LEU A 212 14.31 -3.27 -15.81
CA LEU A 212 15.27 -2.64 -14.90
C LEU A 212 16.34 -1.88 -15.69
N GLU A 213 16.83 -2.49 -16.77
CA GLU A 213 17.82 -1.81 -17.60
C GLU A 213 17.22 -0.61 -18.31
N LYS A 214 15.99 -0.75 -18.84
CA LYS A 214 15.33 0.39 -19.47
C LYS A 214 15.11 1.51 -18.46
N LEU A 215 14.76 1.18 -17.22
CA LEU A 215 14.62 2.19 -16.19
C LEU A 215 15.95 2.90 -15.94
N ARG A 216 17.03 2.13 -15.82
N ARG A 216 17.03 2.13 -15.82
CA ARG A 216 18.35 2.72 -15.64
CA ARG A 216 18.34 2.73 -15.63
C ARG A 216 18.66 3.70 -16.75
C ARG A 216 18.66 3.71 -16.76
N GLN A 217 18.39 3.31 -18.00
CA GLN A 217 18.65 4.19 -19.13
C GLN A 217 17.81 5.46 -19.06
N THR A 218 16.52 5.32 -18.77
CA THR A 218 15.63 6.49 -18.75
C THR A 218 15.99 7.42 -17.59
N MET A 219 16.20 6.85 -16.40
CA MET A 219 16.54 7.67 -15.24
C MET A 219 17.81 8.47 -15.47
N GLU A 220 18.86 7.83 -16.01
CA GLU A 220 20.12 8.51 -16.21
C GLU A 220 19.99 9.63 -17.24
N SER A 221 19.09 9.48 -18.21
CA SER A 221 18.89 10.52 -19.20
C SER A 221 18.04 11.66 -18.66
N VAL A 222 16.86 11.35 -18.13
N VAL A 222 16.86 11.35 -18.12
CA VAL A 222 15.96 12.37 -17.63
CA VAL A 222 15.99 12.43 -17.65
C VAL A 222 16.56 13.06 -16.41
C VAL A 222 16.55 13.07 -16.38
N GLY A 223 17.26 12.30 -15.56
CA GLY A 223 17.90 12.85 -14.39
C GLY A 223 19.28 13.43 -14.60
N SER A 224 19.88 13.15 -15.76
CA SER A 224 21.20 13.67 -16.11
C SER A 224 22.25 13.28 -15.07
N PHE A 225 22.42 11.97 -14.90
CA PHE A 225 23.46 11.48 -14.00
C PHE A 225 23.79 10.06 -14.43
N GLN A 226 24.68 9.43 -13.66
CA GLN A 226 24.94 8.00 -13.78
C GLN A 226 24.80 7.36 -12.41
N PHE A 227 24.01 6.29 -12.33
CA PHE A 227 23.97 5.51 -11.11
C PHE A 227 25.39 5.03 -10.78
N PRO A 228 25.70 4.89 -9.49
CA PRO A 228 27.00 4.30 -9.13
C PRO A 228 27.09 2.85 -9.58
N SER A 229 27.99 2.58 -10.53
CA SER A 229 28.05 1.26 -11.15
C SER A 229 28.29 0.16 -10.12
N SER A 230 28.95 0.47 -9.02
CA SER A 230 29.31 -0.55 -8.03
C SER A 230 28.15 -0.95 -7.13
N SER A 231 27.05 -0.21 -7.20
CA SER A 231 25.91 -0.50 -6.30
C SER A 231 25.11 -1.75 -6.70
N ALA A 232 24.70 -1.84 -7.95
CA ALA A 232 23.82 -2.92 -8.42
C ALA A 232 24.40 -4.31 -8.17
N VAL A 233 23.65 -5.15 -7.46
CA VAL A 233 24.09 -6.56 -7.20
C VAL A 233 23.91 -7.32 -8.51
N VAL A 234 24.99 -7.90 -9.07
CA VAL A 234 24.82 -8.56 -10.40
C VAL A 234 25.48 -9.94 -10.47
N PRO B 11 -4.47 -18.09 21.93
CA PRO B 11 -4.61 -16.85 22.71
C PRO B 11 -5.37 -15.78 21.94
N LYS B 12 -6.02 -14.84 22.64
CA LYS B 12 -6.68 -13.74 21.91
C LYS B 12 -5.70 -12.80 21.27
N PRO B 13 -6.16 -12.10 20.24
CA PRO B 13 -5.32 -11.11 19.57
C PRO B 13 -4.99 -9.95 20.50
N ILE B 14 -3.80 -9.40 20.30
CA ILE B 14 -3.35 -8.20 20.96
C ILE B 14 -3.23 -7.11 19.91
N LEU B 15 -3.84 -5.96 20.17
CA LEU B 15 -3.82 -4.84 19.24
C LEU B 15 -3.04 -3.68 19.86
N TYR B 16 -1.89 -3.36 19.28
CA TYR B 16 -1.15 -2.16 19.62
C TYR B 16 -1.74 -0.99 18.86
N TYR B 17 -2.18 0.05 19.57
CA TYR B 17 -3.08 1.01 18.97
C TYR B 17 -2.82 2.42 19.51
N ASP B 18 -3.25 3.40 18.72
CA ASP B 18 -3.45 4.78 19.14
C ASP B 18 -4.70 5.24 18.41
N GLU B 19 -5.80 5.43 19.14
CA GLU B 19 -7.08 5.61 18.47
C GLU B 19 -7.15 6.91 17.67
N ARG B 20 -6.16 7.79 17.77
CA ARG B 20 -6.15 8.97 16.92
C ARG B 20 -5.86 8.62 15.47
N SER B 21 -5.27 7.46 15.20
CA SER B 21 -4.92 7.08 13.83
C SER B 21 -6.12 6.45 13.14
N PRO B 22 -6.44 6.85 11.91
CA PRO B 22 -7.63 6.33 11.24
C PRO B 22 -7.57 4.83 11.06
N PRO B 23 -6.46 4.28 10.53
CA PRO B 23 -6.39 2.82 10.36
C PRO B 23 -6.54 2.06 11.67
N VAL B 24 -6.11 2.63 12.80
CA VAL B 24 -6.42 2.03 14.08
C VAL B 24 -7.93 1.97 14.29
N ARG B 25 -8.61 3.08 14.03
CA ARG B 25 -10.05 3.12 14.22
C ARG B 25 -10.77 2.17 13.28
N SER B 26 -10.23 1.93 12.09
CA SER B 26 -10.82 0.92 11.21
C SER B 26 -10.81 -0.45 11.87
N CYS B 27 -9.71 -0.78 12.56
CA CYS B 27 -9.64 -2.05 13.27
C CYS B 27 -10.56 -2.07 14.48
N LEU B 28 -10.65 -0.94 15.20
CA LEU B 28 -11.58 -0.86 16.32
C LEU B 28 -13.01 -1.03 15.86
N MET B 29 -13.35 -0.49 14.68
CA MET B 29 -14.69 -0.66 14.15
C MET B 29 -14.99 -2.12 13.85
N LEU B 30 -14.05 -2.82 13.20
CA LEU B 30 -14.26 -4.23 12.91
C LEU B 30 -14.37 -5.05 14.19
N ILE B 31 -13.54 -4.73 15.18
CA ILE B 31 -13.60 -5.45 16.46
C ILE B 31 -14.96 -5.27 17.11
N LYS B 32 -15.51 -4.06 17.04
CA LYS B 32 -16.83 -3.81 17.62
C LYS B 32 -17.93 -4.48 16.79
N LEU B 33 -17.80 -4.46 15.47
CA LEU B 33 -18.82 -5.06 14.61
C LEU B 33 -18.89 -6.57 14.79
N LEU B 34 -17.76 -7.22 15.06
CA LEU B 34 -17.70 -8.67 15.16
C LEU B 34 -17.60 -9.17 16.60
N ASP B 35 -17.68 -8.29 17.59
CA ASP B 35 -17.63 -8.68 19.00
C ASP B 35 -16.38 -9.49 19.31
N ILE B 36 -15.25 -9.07 18.75
CA ILE B 36 -13.99 -9.78 18.95
C ILE B 36 -13.38 -9.36 20.27
N ASP B 37 -12.99 -10.34 21.08
CA ASP B 37 -12.31 -10.09 22.35
C ASP B 37 -10.83 -9.88 22.08
N VAL B 38 -10.36 -8.65 22.23
CA VAL B 38 -8.98 -8.28 21.93
C VAL B 38 -8.39 -7.56 23.14
N GLU B 39 -7.10 -7.78 23.39
CA GLU B 39 -6.38 -7.02 24.39
C GLU B 39 -5.74 -5.80 23.73
N LEU B 40 -6.17 -4.62 24.15
CA LEU B 40 -5.64 -3.37 23.62
C LEU B 40 -4.39 -2.95 24.39
N ARG B 41 -3.38 -2.50 23.66
CA ARG B 41 -2.16 -1.98 24.25
C ARG B 41 -1.83 -0.65 23.59
N PHE B 42 -1.84 0.42 24.37
CA PHE B 42 -1.72 1.77 23.83
C PHE B 42 -0.26 2.09 23.51
N VAL B 43 -0.04 2.62 22.32
CA VAL B 43 1.27 3.09 21.87
C VAL B 43 1.08 4.55 21.45
N ASN B 44 1.65 5.47 22.21
CA ASN B 44 1.41 6.90 21.99
C ASN B 44 2.23 7.37 20.81
N LEU B 45 1.55 7.59 19.67
CA LEU B 45 2.25 8.01 18.46
C LEU B 45 2.85 9.40 18.59
N PHE B 46 2.22 10.28 19.36
CA PHE B 46 2.70 11.65 19.49
C PHE B 46 3.83 11.80 20.48
N LYS B 47 4.20 10.71 21.17
CA LYS B 47 5.40 10.66 21.98
C LYS B 47 6.46 9.76 21.36
N GLY B 48 6.23 9.27 20.15
CA GLY B 48 7.19 8.41 19.48
C GLY B 48 7.41 7.07 20.14
N GLU B 49 6.41 6.56 20.86
CA GLU B 49 6.57 5.28 21.54
C GLU B 49 6.66 4.10 20.58
N GLN B 50 6.26 4.28 19.32
CA GLN B 50 6.47 3.22 18.35
C GLN B 50 7.95 2.98 18.06
N PHE B 51 8.83 3.87 18.53
CA PHE B 51 10.26 3.71 18.37
C PHE B 51 10.93 3.11 19.61
N GLN B 52 10.14 2.75 20.63
CA GLN B 52 10.69 2.06 21.79
C GLN B 52 11.33 0.75 21.36
N LYS B 53 12.43 0.39 22.03
CA LYS B 53 13.24 -0.74 21.58
C LYS B 53 12.41 -2.02 21.46
N ASP B 54 11.56 -2.29 22.45
CA ASP B 54 10.79 -3.53 22.42
C ASP B 54 9.77 -3.53 21.29
N PHE B 55 9.15 -2.38 21.00
CA PHE B 55 8.20 -2.33 19.89
C PHE B 55 8.92 -2.44 18.56
N LEU B 56 10.08 -1.79 18.43
CA LEU B 56 10.86 -1.91 17.20
C LEU B 56 11.28 -3.35 16.97
N ALA B 57 11.66 -4.06 18.03
CA ALA B 57 11.99 -5.49 17.89
C ALA B 57 10.80 -6.27 17.38
N LEU B 58 9.60 -5.99 17.93
CA LEU B 58 8.39 -6.66 17.45
C LEU B 58 8.08 -6.26 16.01
N ASN B 59 8.24 -4.98 15.68
CA ASN B 59 7.79 -4.44 14.41
C ASN B 59 8.75 -3.34 13.96
N PRO B 60 9.80 -3.70 13.21
CA PRO B 60 10.76 -2.68 12.77
C PRO B 60 10.15 -1.60 11.88
N GLN B 61 8.94 -1.78 11.36
CA GLN B 61 8.25 -0.70 10.67
C GLN B 61 7.73 0.37 11.62
N HIS B 62 7.82 0.15 12.93
CA HIS B 62 7.28 1.04 13.94
C HIS B 62 5.93 1.61 13.51
N SER B 63 5.03 0.71 13.12
CA SER B 63 3.73 1.08 12.59
C SER B 63 2.62 0.66 13.55
N VAL B 64 1.60 1.49 13.66
N VAL B 64 1.56 1.47 13.57
CA VAL B 64 0.40 1.11 14.41
CA VAL B 64 0.37 1.28 14.40
C VAL B 64 -0.79 1.37 13.49
C VAL B 64 -0.84 1.43 13.48
N PRO B 65 -1.81 0.50 13.49
CA PRO B 65 -1.93 -0.66 14.37
C PRO B 65 -0.99 -1.82 14.06
N THR B 66 -0.67 -2.57 15.11
CA THR B 66 0.01 -3.85 15.00
C THR B 66 -0.81 -4.88 15.76
N LEU B 67 -1.03 -6.04 15.15
CA LEU B 67 -1.77 -7.12 15.79
C LEU B 67 -0.84 -8.30 16.01
N VAL B 68 -0.80 -8.80 17.24
CA VAL B 68 -0.14 -10.05 17.58
C VAL B 68 -1.22 -11.07 17.92
N HIS B 69 -1.31 -12.12 17.12
CA HIS B 69 -2.28 -13.19 17.34
C HIS B 69 -1.51 -14.50 17.31
N GLY B 70 -1.20 -15.02 18.49
CA GLY B 70 -0.29 -16.15 18.56
C GLY B 70 1.08 -15.74 18.07
N ASP B 71 1.60 -16.49 17.11
CA ASP B 71 2.89 -16.18 16.50
C ASP B 71 2.78 -15.22 15.33
N LEU B 72 1.56 -14.84 14.93
CA LEU B 72 1.34 -13.99 13.77
C LEU B 72 1.44 -12.53 14.18
N VAL B 73 2.30 -11.77 13.48
CA VAL B 73 2.54 -10.37 13.78
C VAL B 73 2.19 -9.58 12.53
N LEU B 74 1.02 -8.92 12.54
CA LEU B 74 0.55 -8.13 11.42
C LEU B 74 0.85 -6.66 11.68
N THR B 75 1.49 -6.01 10.70
CA THR B 75 1.97 -4.64 10.85
C THR B 75 1.30 -3.67 9.89
N ASP B 76 0.16 -4.06 9.32
CA ASP B 76 -0.61 -3.19 8.43
C ASP B 76 -2.09 -3.42 8.71
N SER B 77 -2.84 -2.32 8.85
CA SER B 77 -4.25 -2.39 9.20
C SER B 77 -5.03 -3.23 8.20
N HIS B 78 -4.64 -3.20 6.93
CA HIS B 78 -5.41 -3.92 5.93
C HIS B 78 -5.21 -5.42 6.06
N ALA B 79 -4.02 -5.87 6.46
CA ALA B 79 -3.82 -7.27 6.80
C ALA B 79 -4.59 -7.63 8.07
N ILE B 80 -4.63 -6.72 9.05
CA ILE B 80 -5.37 -6.97 10.28
C ILE B 80 -6.85 -7.11 9.99
N LEU B 81 -7.39 -6.24 9.14
CA LEU B 81 -8.82 -6.32 8.81
C LEU B 81 -9.15 -7.65 8.14
N ILE B 82 -8.34 -8.05 7.16
CA ILE B 82 -8.61 -9.29 6.44
C ILE B 82 -8.44 -10.49 7.36
N HIS B 83 -7.38 -10.49 8.19
CA HIS B 83 -7.16 -11.59 9.10
C HIS B 83 -8.34 -11.76 10.05
N LEU B 84 -8.77 -10.67 10.68
CA LEU B 84 -9.87 -10.76 11.65
C LEU B 84 -11.17 -11.16 10.98
N ALA B 85 -11.41 -10.68 9.75
CA ALA B 85 -12.62 -11.08 9.04
C ALA B 85 -12.61 -12.56 8.71
N GLU B 86 -11.46 -13.09 8.27
CA GLU B 86 -11.38 -14.50 7.94
C GLU B 86 -11.47 -15.37 9.19
N LYS B 87 -10.94 -14.90 10.32
CA LYS B 87 -10.94 -15.69 11.54
C LYS B 87 -12.27 -15.62 12.29
N PHE B 88 -12.94 -14.46 12.27
CA PHE B 88 -14.10 -14.24 13.11
C PHE B 88 -15.38 -13.93 12.34
N ASP B 89 -15.34 -13.89 11.01
CA ASP B 89 -16.54 -13.58 10.23
C ASP B 89 -16.63 -14.49 9.02
N GLU B 90 -16.33 -15.77 9.19
CA GLU B 90 -16.57 -16.73 8.13
C GLU B 90 -18.03 -16.73 7.74
N GLY B 91 -18.30 -16.69 6.44
CA GLY B 91 -19.65 -16.57 5.94
C GLY B 91 -20.19 -15.16 5.87
N GLY B 92 -19.39 -14.15 6.24
CA GLY B 92 -19.85 -12.78 6.20
C GLY B 92 -19.58 -12.12 4.87
N SER B 93 -20.15 -10.92 4.70
CA SER B 93 -19.98 -10.15 3.48
C SER B 93 -18.84 -9.13 3.57
N LEU B 94 -18.27 -8.92 4.76
CA LEU B 94 -17.20 -7.95 4.90
C LEU B 94 -16.01 -8.32 4.02
N TRP B 95 -15.71 -9.61 3.91
CA TRP B 95 -14.60 -10.13 3.11
C TRP B 95 -15.20 -11.23 2.26
N PRO B 96 -15.76 -10.88 1.10
CA PRO B 96 -16.70 -11.78 0.41
C PRO B 96 -16.05 -13.10 -0.01
N GLN B 97 -16.90 -14.13 -0.11
CA GLN B 97 -16.44 -15.43 -0.60
C GLN B 97 -16.27 -15.44 -2.11
N GLU B 98 -17.14 -14.73 -2.85
CA GLU B 98 -17.02 -14.69 -4.30
C GLU B 98 -15.73 -13.98 -4.68
N HIS B 99 -15.00 -14.56 -5.64
CA HIS B 99 -13.65 -14.08 -5.91
C HIS B 99 -13.65 -12.65 -6.41
N ALA B 100 -14.43 -12.37 -7.46
CA ALA B 100 -14.42 -11.02 -8.04
C ALA B 100 -14.80 -9.97 -7.03
N GLU B 101 -15.84 -10.23 -6.23
CA GLU B 101 -16.23 -9.28 -5.19
C GLU B 101 -15.11 -9.07 -4.18
N ARG B 102 -14.41 -10.15 -3.81
CA ARG B 102 -13.31 -10.03 -2.87
C ARG B 102 -12.15 -9.22 -3.47
N MET B 103 -11.86 -9.43 -4.74
CA MET B 103 -10.78 -8.65 -5.38
C MET B 103 -11.13 -7.17 -5.44
N LYS B 104 -12.41 -6.84 -5.64
CA LYS B 104 -12.81 -5.42 -5.60
C LYS B 104 -12.57 -4.83 -4.23
N VAL B 105 -12.91 -5.56 -3.17
CA VAL B 105 -12.65 -5.08 -1.81
C VAL B 105 -11.15 -4.92 -1.60
N LEU B 106 -10.37 -5.94 -1.99
CA LEU B 106 -8.92 -5.87 -1.85
C LEU B 106 -8.37 -4.66 -2.59
N ASN B 107 -8.82 -4.44 -3.83
CA ASN B 107 -8.35 -3.31 -4.61
C ASN B 107 -8.61 -1.99 -3.89
N LEU B 108 -9.76 -1.88 -3.21
CA LEU B 108 -10.09 -0.64 -2.52
C LEU B 108 -9.29 -0.48 -1.23
N LEU B 109 -9.04 -1.59 -0.53
CA LEU B 109 -8.14 -1.53 0.62
C LEU B 109 -6.77 -0.98 0.22
N LEU B 110 -6.29 -1.39 -0.95
CA LEU B 110 -4.98 -0.92 -1.41
C LEU B 110 -5.04 0.54 -1.87
N PHE B 111 -6.15 0.97 -2.45
CA PHE B 111 -6.34 2.39 -2.72
C PHE B 111 -6.29 3.19 -1.43
N GLU B 112 -6.95 2.70 -0.38
CA GLU B 112 -6.90 3.39 0.91
C GLU B 112 -5.47 3.49 1.41
N CYS B 113 -4.70 2.40 1.27
CA CYS B 113 -3.32 2.40 1.74
C CYS B 113 -2.45 3.36 0.94
N SER B 114 -2.44 3.22 -0.39
CA SER B 114 -1.48 3.91 -1.23
C SER B 114 -1.91 5.30 -1.64
N PHE B 115 -3.20 5.62 -1.56
CA PHE B 115 -3.71 6.89 -2.09
C PHE B 115 -4.36 7.72 -0.99
N LEU B 116 -5.48 7.27 -0.42
CA LEU B 116 -6.21 8.10 0.53
C LEU B 116 -5.44 8.30 1.83
N PHE B 117 -5.07 7.19 2.49
CA PHE B 117 -4.35 7.33 3.76
C PHE B 117 -3.00 8.00 3.56
N ARG B 118 -2.32 7.70 2.45
CA ARG B 118 -1.00 8.30 2.23
C ARG B 118 -1.09 9.82 2.16
N ARG B 119 -2.12 10.34 1.49
CA ARG B 119 -2.25 11.78 1.34
C ARG B 119 -2.76 12.42 2.63
N ASP B 120 -3.64 11.73 3.35
CA ASP B 120 -4.04 12.19 4.68
C ASP B 120 -2.84 12.27 5.61
N SER B 121 -2.02 11.21 5.65
CA SER B 121 -0.89 11.20 6.56
C SER B 121 0.16 12.22 6.16
N ASP B 122 0.40 12.41 4.86
CA ASP B 122 1.29 13.47 4.41
C ASP B 122 0.83 14.82 4.95
N PHE B 123 -0.47 15.10 4.82
CA PHE B 123 -1.02 16.39 5.26
C PHE B 123 -0.93 16.53 6.77
N MET B 124 -1.41 15.54 7.51
CA MET B 124 -1.47 15.68 8.96
C MET B 124 -0.07 15.63 9.58
N SER B 125 0.82 14.81 9.01
N SER B 125 0.82 14.81 9.01
CA SER B 125 2.20 14.80 9.48
CA SER B 125 2.20 14.80 9.48
C SER B 125 2.87 16.15 9.24
C SER B 125 2.89 16.14 9.23
N ALA B 126 2.51 16.83 8.14
CA ALA B 126 3.09 18.14 7.87
C ALA B 126 2.66 19.17 8.91
N ILE B 127 1.40 19.11 9.36
CA ILE B 127 0.95 20.01 10.41
C ILE B 127 1.72 19.75 11.70
N VAL B 128 1.93 18.48 12.05
CA VAL B 128 2.62 18.16 13.29
C VAL B 128 4.06 18.65 13.24
N ARG B 129 4.78 18.34 12.17
CA ARG B 129 6.20 18.67 12.11
C ARG B 129 6.41 20.18 12.01
N GLN B 130 5.60 20.88 11.21
CA GLN B 130 5.87 22.27 10.89
C GLN B 130 4.91 23.26 11.54
N GLY B 131 3.78 22.80 12.07
CA GLY B 131 2.74 23.71 12.51
C GLY B 131 1.86 24.12 11.35
N PHE B 132 0.57 24.34 11.61
CA PHE B 132 -0.37 24.59 10.53
C PHE B 132 0.07 25.78 9.68
N ALA B 133 0.76 26.75 10.27
CA ALA B 133 1.16 27.95 9.53
C ALA B 133 2.22 27.67 8.49
N ASN B 134 3.00 26.59 8.64
CA ASN B 134 4.06 26.25 7.72
C ASN B 134 3.63 25.23 6.66
N VAL B 135 2.34 24.96 6.54
CA VAL B 135 1.84 23.92 5.65
C VAL B 135 1.25 24.55 4.40
N ASP B 136 1.56 23.95 3.25
CA ASP B 136 0.97 24.34 1.96
C ASP B 136 -0.40 23.69 1.88
N VAL B 137 -1.41 24.37 2.43
CA VAL B 137 -2.74 23.76 2.53
C VAL B 137 -3.35 23.57 1.13
N ALA B 138 -3.11 24.50 0.22
CA ALA B 138 -3.64 24.37 -1.13
C ALA B 138 -3.11 23.11 -1.80
N HIS B 139 -1.82 22.81 -1.59
CA HIS B 139 -1.23 21.62 -2.20
C HIS B 139 -1.91 20.35 -1.68
N HIS B 140 -2.07 20.24 -0.36
CA HIS B 140 -2.71 19.05 0.20
C HIS B 140 -4.20 19.03 -0.10
N GLU B 141 -4.83 20.21 -0.22
CA GLU B 141 -6.23 20.24 -0.63
C GLU B 141 -6.40 19.63 -2.02
N ARG B 142 -5.50 19.96 -2.95
CA ARG B 142 -5.55 19.37 -4.28
C ARG B 142 -5.37 17.85 -4.19
N LYS B 143 -4.37 17.40 -3.44
CA LYS B 143 -4.11 15.97 -3.33
C LYS B 143 -5.32 15.23 -2.76
N LEU B 144 -5.93 15.78 -1.72
CA LEU B 144 -7.02 15.08 -1.06
C LEU B 144 -8.35 15.24 -1.79
N THR B 145 -8.54 16.38 -2.47
CA THR B 145 -9.72 16.52 -3.33
C THR B 145 -9.69 15.51 -4.47
N GLU B 146 -8.50 15.19 -4.98
N GLU B 146 -8.50 15.21 -4.99
CA GLU B 146 -8.41 14.16 -6.02
CA GLU B 146 -8.38 14.17 -6.00
C GLU B 146 -8.89 12.81 -5.49
C GLU B 146 -8.91 12.83 -5.48
N ALA B 147 -8.60 12.52 -4.23
CA ALA B 147 -9.11 11.29 -3.63
C ALA B 147 -10.63 11.34 -3.48
N TYR B 148 -11.16 12.49 -3.07
CA TYR B 148 -12.62 12.67 -3.03
C TYR B 148 -13.23 12.38 -4.39
N ILE B 149 -12.64 12.93 -5.45
CA ILE B 149 -13.20 12.79 -6.80
C ILE B 149 -13.24 11.32 -7.20
N ILE B 150 -12.13 10.61 -6.99
CA ILE B 150 -12.08 9.18 -7.30
C ILE B 150 -13.15 8.42 -6.53
N MET B 151 -13.32 8.77 -5.26
CA MET B 151 -14.23 8.04 -4.39
C MET B 151 -15.68 8.34 -4.76
N GLU B 152 -15.97 9.59 -5.14
CA GLU B 152 -17.30 9.94 -5.62
C GLU B 152 -17.68 9.11 -6.84
N ARG B 153 -16.71 8.84 -7.73
CA ARG B 153 -16.98 8.06 -8.92
C ARG B 153 -17.10 6.57 -8.60
N TYR B 154 -16.35 6.08 -7.61
CA TYR B 154 -16.55 4.71 -7.14
C TYR B 154 -17.99 4.46 -6.75
N LEU B 155 -18.63 5.45 -6.12
CA LEU B 155 -19.95 5.28 -5.53
C LEU B 155 -21.09 5.45 -6.52
N GLU B 156 -20.80 5.71 -7.80
CA GLU B 156 -21.85 5.84 -8.79
C GLU B 156 -22.68 4.57 -8.86
N ASN B 157 -23.96 4.68 -8.54
CA ASN B 157 -24.88 3.54 -8.55
C ASN B 157 -24.32 2.39 -7.72
N SER B 158 -23.88 2.71 -6.51
CA SER B 158 -23.32 1.72 -5.59
C SER B 158 -23.49 2.24 -4.18
N ASP B 159 -24.25 1.52 -3.35
CA ASP B 159 -24.53 1.99 -2.00
C ASP B 159 -23.26 2.04 -1.16
N PHE B 160 -22.35 1.10 -1.37
CA PHE B 160 -21.10 1.04 -0.61
C PHE B 160 -19.91 1.05 -1.56
N MET B 161 -18.72 1.12 -0.96
CA MET B 161 -17.52 1.43 -1.73
C MET B 161 -17.23 0.36 -2.78
N ALA B 162 -17.48 -0.91 -2.44
CA ALA B 162 -17.14 -2.04 -3.29
C ALA B 162 -18.35 -2.74 -3.88
N GLY B 163 -19.56 -2.25 -3.63
CA GLY B 163 -20.75 -2.89 -4.13
C GLY B 163 -21.96 -2.59 -3.27
N PRO B 164 -22.97 -3.46 -3.34
CA PRO B 164 -24.21 -3.22 -2.59
C PRO B 164 -24.14 -3.56 -1.12
N GLN B 165 -23.07 -4.20 -0.65
CA GLN B 165 -22.97 -4.64 0.73
C GLN B 165 -21.78 -3.97 1.42
N LEU B 166 -21.91 -3.77 2.72
CA LEU B 166 -20.81 -3.29 3.54
C LEU B 166 -19.65 -4.27 3.50
N THR B 167 -18.44 -3.75 3.29
CA THR B 167 -17.24 -4.60 3.23
C THR B 167 -16.12 -3.93 4.03
N LEU B 168 -14.99 -4.64 4.14
CA LEU B 168 -13.83 -4.08 4.80
C LEU B 168 -13.38 -2.78 4.16
N ALA B 169 -13.61 -2.62 2.85
CA ALA B 169 -13.23 -1.39 2.18
C ALA B 169 -13.89 -0.17 2.82
N ASP B 170 -15.17 -0.31 3.20
CA ASP B 170 -15.86 0.80 3.84
C ASP B 170 -15.28 1.09 5.22
N LEU B 171 -14.98 0.05 5.99
CA LEU B 171 -14.40 0.26 7.31
C LEU B 171 -13.04 0.94 7.20
N SER B 172 -12.24 0.53 6.23
CA SER B 172 -10.91 1.12 6.04
C SER B 172 -11.01 2.58 5.61
N ILE B 173 -11.93 2.87 4.68
CA ILE B 173 -11.98 4.19 4.07
C ILE B 173 -12.69 5.20 4.97
N VAL B 174 -13.70 4.78 5.72
CA VAL B 174 -14.54 5.74 6.43
C VAL B 174 -13.76 6.45 7.53
N THR B 175 -12.86 5.75 8.22
CA THR B 175 -12.09 6.38 9.28
C THR B 175 -11.18 7.46 8.73
N THR B 176 -10.46 7.16 7.65
CA THR B 176 -9.59 8.16 7.03
C THR B 176 -10.42 9.29 6.42
N LEU B 177 -11.56 8.97 5.81
CA LEU B 177 -12.42 10.01 5.27
C LEU B 177 -12.89 10.96 6.36
N SER B 178 -13.33 10.41 7.50
CA SER B 178 -13.74 11.26 8.61
C SER B 178 -12.59 12.12 9.11
N THR B 179 -11.35 11.66 8.91
CA THR B 179 -10.18 12.42 9.36
C THR B 179 -9.86 13.55 8.38
N VAL B 180 -9.78 13.24 7.09
CA VAL B 180 -9.60 14.29 6.09
C VAL B 180 -10.72 15.31 6.19
N ASN B 181 -11.93 14.85 6.53
CA ASN B 181 -13.09 15.71 6.62
C ASN B 181 -13.05 16.69 7.79
N LEU B 182 -12.15 16.46 8.76
CA LEU B 182 -11.91 17.49 9.77
C LEU B 182 -11.51 18.81 9.13
N MET B 183 -10.78 18.74 8.02
CA MET B 183 -10.25 19.91 7.33
C MET B 183 -10.98 20.25 6.05
N PHE B 184 -11.28 19.25 5.22
CA PHE B 184 -11.79 19.49 3.89
C PHE B 184 -13.22 18.99 3.77
N PRO B 185 -14.20 19.86 3.60
CA PRO B 185 -15.60 19.44 3.64
C PRO B 185 -15.96 18.54 2.46
N LEU B 186 -17.05 17.79 2.64
CA LEU B 186 -17.61 16.94 1.60
C LEU B 186 -18.75 17.65 0.88
N SER B 187 -18.84 18.98 1.04
CA SER B 187 -19.98 19.75 0.55
C SER B 187 -20.21 19.53 -0.93
N GLN B 188 -19.14 19.34 -1.70
CA GLN B 188 -19.23 19.28 -3.17
C GLN B 188 -19.36 17.85 -3.70
N PHE B 189 -19.54 16.87 -2.82
CA PHE B 189 -19.51 15.46 -3.19
C PHE B 189 -20.74 14.76 -2.64
N PRO B 190 -21.84 14.76 -3.38
CA PRO B 190 -23.10 14.25 -2.82
C PRO B 190 -23.10 12.76 -2.52
N ARG B 191 -22.49 11.94 -3.38
CA ARG B 191 -22.44 10.51 -3.10
C ARG B 191 -21.57 10.24 -1.88
N LEU B 192 -20.39 10.87 -1.82
N LEU B 192 -20.39 10.87 -1.81
CA LEU B 192 -19.52 10.69 -0.67
CA LEU B 192 -19.52 10.71 -0.65
C LEU B 192 -20.20 11.12 0.62
C LEU B 192 -20.23 11.12 0.63
N ARG B 193 -20.94 12.23 0.57
N ARG B 193 -20.96 12.25 0.57
CA ARG B 193 -21.67 12.68 1.76
CA ARG B 193 -21.69 12.71 1.76
C ARG B 193 -22.78 11.70 2.14
C ARG B 193 -22.79 11.71 2.14
N ARG B 194 -23.54 11.24 1.15
CA ARG B 194 -24.60 10.27 1.45
C ARG B 194 -24.01 8.99 2.04
N TRP B 195 -22.90 8.51 1.48
CA TRP B 195 -22.27 7.30 2.00
C TRP B 195 -21.74 7.52 3.40
N PHE B 196 -21.02 8.62 3.62
CA PHE B 196 -20.50 8.92 4.96
C PHE B 196 -21.62 8.99 5.98
N THR B 197 -22.73 9.65 5.62
CA THR B 197 -23.87 9.75 6.53
C THR B 197 -24.44 8.36 6.85
N ALA B 198 -24.54 7.51 5.84
CA ALA B 198 -25.03 6.15 6.07
C ALA B 198 -24.08 5.37 6.96
N MET B 199 -22.77 5.49 6.72
CA MET B 199 -21.79 4.82 7.57
C MET B 199 -21.95 5.25 9.02
N GLN B 200 -22.31 6.51 9.26
CA GLN B 200 -22.43 7.02 10.62
C GLN B 200 -23.62 6.44 11.37
N GLN B 201 -24.54 5.77 10.68
CA GLN B 201 -25.68 5.15 11.33
C GLN B 201 -25.38 3.74 11.83
N LEU B 202 -24.27 3.15 11.41
CA LEU B 202 -23.90 1.82 11.88
C LEU B 202 -23.48 1.88 13.35
N ASP B 203 -23.98 0.93 14.14
CA ASP B 203 -23.57 0.85 15.54
C ASP B 203 -22.06 0.81 15.67
N ALA B 204 -21.38 0.07 14.78
CA ALA B 204 -19.94 -0.08 14.87
C ALA B 204 -19.21 1.23 14.63
N TYR B 205 -19.81 2.19 13.92
CA TYR B 205 -19.14 3.46 13.69
C TYR B 205 -18.83 4.20 14.99
N GLU B 206 -19.54 3.88 16.07
CA GLU B 206 -19.27 4.54 17.35
C GLU B 206 -17.81 4.38 17.76
N ALA B 207 -17.16 3.29 17.31
CA ALA B 207 -15.76 3.09 17.64
C ALA B 207 -14.84 4.12 17.01
N ASN B 208 -15.32 4.84 15.99
CA ASN B 208 -14.54 5.89 15.35
C ASN B 208 -14.57 7.21 16.12
N CYS B 209 -15.57 7.41 16.97
CA CYS B 209 -15.88 8.74 17.47
C CYS B 209 -14.83 9.24 18.45
N SER B 210 -14.48 8.44 19.46
CA SER B 210 -13.57 8.90 20.48
C SER B 210 -12.22 9.29 19.88
N GLY B 211 -11.65 8.43 19.05
CA GLY B 211 -10.33 8.70 18.49
C GLY B 211 -10.33 9.86 17.53
N LEU B 212 -11.40 10.02 16.75
CA LEU B 212 -11.49 11.17 15.85
C LEU B 212 -11.46 12.47 16.63
N GLU B 213 -12.19 12.54 17.74
CA GLU B 213 -12.21 13.75 18.55
C GLU B 213 -10.86 13.95 19.24
N LYS B 214 -10.26 12.88 19.77
CA LYS B 214 -8.94 13.00 20.36
C LYS B 214 -7.93 13.51 19.34
N LEU B 215 -8.04 13.05 18.08
CA LEU B 215 -7.13 13.53 17.04
C LEU B 215 -7.37 15.00 16.76
N ARG B 216 -8.63 15.41 16.61
CA ARG B 216 -8.92 16.82 16.42
C ARG B 216 -8.26 17.68 17.48
N GLN B 217 -8.42 17.29 18.75
CA GLN B 217 -7.87 18.09 19.84
C GLN B 217 -6.34 18.09 19.80
N THR B 218 -5.74 16.91 19.58
CA THR B 218 -4.28 16.84 19.52
C THR B 218 -3.73 17.67 18.37
N MET B 219 -4.31 17.52 17.18
CA MET B 219 -3.81 18.25 16.02
C MET B 219 -3.93 19.75 16.20
N GLU B 220 -5.08 20.21 16.72
CA GLU B 220 -5.24 21.65 16.92
C GLU B 220 -4.25 22.20 17.94
N SER B 221 -3.85 21.36 18.90
CA SER B 221 -2.85 21.79 19.88
C SER B 221 -1.45 21.81 19.27
N VAL B 222 -1.02 20.69 18.69
CA VAL B 222 0.33 20.60 18.16
C VAL B 222 0.51 21.48 16.92
N GLY B 223 -0.58 21.75 16.20
CA GLY B 223 -0.51 22.55 15.00
C GLY B 223 -0.85 24.00 15.21
N SER B 224 -1.36 24.33 16.40
CA SER B 224 -1.65 25.71 16.79
C SER B 224 -2.67 26.35 15.84
N PHE B 225 -3.83 25.70 15.74
CA PHE B 225 -4.89 26.16 14.86
C PHE B 225 -6.21 25.49 15.26
N GLN B 226 -7.28 25.90 14.59
CA GLN B 226 -8.56 25.20 14.65
C GLN B 226 -8.92 24.71 13.26
N PHE B 227 -9.51 23.53 13.19
CA PHE B 227 -10.01 23.09 11.89
C PHE B 227 -11.26 23.92 11.57
N PRO B 228 -11.60 24.08 10.28
CA PRO B 228 -12.80 24.82 9.93
C PRO B 228 -14.05 24.18 10.54
N SER B 229 -14.96 25.03 10.98
CA SER B 229 -16.23 24.66 11.63
#